data_4C99
#
_entry.id   4C99
#
_cell.length_a   59.800
_cell.length_b   77.206
_cell.length_c   130.611
_cell.angle_alpha   90.00
_cell.angle_beta   90.00
_cell.angle_gamma   90.00
#
_symmetry.space_group_name_H-M   'P 21 21 21'
#
loop_
_entity.id
_entity.type
_entity.pdbx_description
1 polymer 'E3 UBIQUITIN-PROTEIN LIGASE ZNRF3'
2 polymer R-SPONDIN-2
3 non-polymer 'CHLORIDE ION'
#
loop_
_entity_poly.entity_id
_entity_poly.type
_entity_poly.pdbx_seq_one_letter_code
_entity_poly.pdbx_strand_id
1 'polypeptide(L)'
;ETGKETAFVEVVLFESSPSGDYTTHTTGLTGRFSRAGAMLSAEGEIVQMHPLGLCNNNDEEDLYEYGWVGVVKLEQPELD
PKPCLTVLGKAKRAVQRGATAVIFDVSENPEAIDQLNQGSEDPLKRPVVYVKGADAIKLMNIVNKQKVARARIQHLGTKH
HHHHH
;
A,C
2 'polypeptide(L)'
;ETGNPICKGCLSCSKDNGCSRCQQKLFFFLRREGMRQYGECLHSCPSGYYGHRAPDMNRCARCRIENCDSCFSKDFCTKC
KVGFYLHRGRCFDECPDGFAPLDETMECVEGTHHHHHHHHHH
;
B,D
#
# COMPACT_ATOMS: atom_id res chain seq x y z
N LYS A 4 28.36 10.13 -1.95
CA LYS A 4 29.21 9.00 -2.48
C LYS A 4 28.65 8.35 -3.77
N GLU A 5 28.05 7.15 -3.66
CA GLU A 5 27.77 6.28 -4.82
C GLU A 5 26.58 6.72 -5.66
N THR A 6 26.54 6.20 -6.88
CA THR A 6 25.44 6.44 -7.77
C THR A 6 24.29 5.59 -7.33
N ALA A 7 23.10 6.13 -7.49
CA ALA A 7 21.88 5.50 -7.06
C ALA A 7 21.02 5.36 -8.27
N PHE A 8 20.57 4.14 -8.56
CA PHE A 8 19.81 3.89 -9.79
C PHE A 8 18.29 3.75 -9.53
N VAL A 9 17.56 4.75 -9.96
CA VAL A 9 16.17 4.86 -9.65
C VAL A 9 15.34 4.46 -10.85
N GLU A 10 14.39 3.59 -10.61
CA GLU A 10 13.38 3.34 -11.56
C GLU A 10 12.04 3.86 -11.02
N VAL A 11 11.47 4.87 -11.65
CA VAL A 11 10.09 5.21 -11.37
C VAL A 11 9.28 4.29 -12.24
N VAL A 12 8.17 3.82 -11.72
CA VAL A 12 7.36 2.80 -12.38
C VAL A 12 5.92 3.20 -12.32
N LEU A 13 5.31 3.43 -13.47
CA LEU A 13 3.87 3.58 -13.53
C LEU A 13 3.27 2.20 -13.71
N PHE A 14 2.05 2.02 -13.18
CA PHE A 14 1.36 0.73 -13.28
C PHE A 14 -0.15 0.84 -13.34
N GLU A 15 -0.75 -0.06 -14.12
CA GLU A 15 -2.18 -0.19 -14.25
C GLU A 15 -2.52 -1.67 -14.18
N SER A 16 -3.72 -1.96 -13.67
CA SER A 16 -4.25 -3.32 -13.61
C SER A 16 -5.38 -3.51 -14.61
N SER A 17 -5.25 -4.51 -15.49
CA SER A 17 -6.36 -4.92 -16.38
C SER A 17 -7.39 -5.71 -15.56
N PRO A 18 -8.63 -5.82 -16.05
CA PRO A 18 -9.71 -6.34 -15.20
C PRO A 18 -9.62 -7.86 -14.86
N SER A 19 -8.67 -8.57 -15.46
CA SER A 19 -8.31 -9.91 -15.00
C SER A 19 -7.47 -9.86 -13.71
N GLY A 20 -6.98 -8.68 -13.36
CA GLY A 20 -6.09 -8.50 -12.22
C GLY A 20 -4.61 -8.50 -12.61
N ASP A 21 -4.32 -8.52 -13.90
CA ASP A 21 -2.94 -8.56 -14.35
C ASP A 21 -2.44 -7.14 -14.45
N TYR A 22 -1.13 -6.94 -14.33
CA TYR A 22 -0.59 -5.59 -14.19
C TYR A 22 0.35 -5.37 -15.34
N THR A 23 0.24 -4.20 -15.95
CA THR A 23 1.17 -3.79 -16.99
C THR A 23 1.87 -2.61 -16.38
N THR A 24 3.10 -2.37 -16.82
CA THR A 24 3.99 -1.46 -16.17
C THR A 24 4.75 -0.62 -17.16
N HIS A 25 5.00 0.63 -16.79
CA HIS A 25 5.86 1.49 -17.58
C HIS A 25 6.96 2.03 -16.67
N THR A 26 8.19 1.86 -17.09
CA THR A 26 9.32 2.04 -16.22
C THR A 26 10.29 3.06 -16.76
N THR A 27 10.53 4.10 -15.99
CA THR A 27 11.38 5.20 -16.39
C THR A 27 12.56 5.13 -15.43
N GLY A 28 13.73 5.46 -15.92
CA GLY A 28 14.96 5.20 -15.22
C GLY A 28 15.59 6.54 -15.13
N LEU A 29 16.33 6.75 -14.06
CA LEU A 29 16.88 8.06 -13.73
C LEU A 29 18.22 7.74 -13.09
N THR A 30 18.90 8.75 -12.62
CA THR A 30 20.14 8.52 -11.91
C THR A 30 20.31 9.61 -10.89
N GLY A 31 20.87 9.21 -9.76
CA GLY A 31 21.17 10.14 -8.66
C GLY A 31 22.33 9.60 -7.83
N ARG A 32 22.58 10.22 -6.68
CA ARG A 32 23.70 9.82 -5.83
C ARG A 32 23.17 9.50 -4.44
N PHE A 33 23.74 8.49 -3.79
CA PHE A 33 23.44 8.24 -2.36
C PHE A 33 24.15 9.29 -1.56
N SER A 34 23.49 9.79 -0.51
CA SER A 34 24.11 10.72 0.42
C SER A 34 24.70 9.98 1.61
N ARG A 35 25.58 10.67 2.33
CA ARG A 35 26.17 10.15 3.58
C ARG A 35 25.33 10.63 4.78
N ALA A 36 24.12 11.12 4.49
CA ALA A 36 23.14 11.36 5.52
C ALA A 36 22.29 10.11 5.73
N GLY A 37 22.49 9.14 4.84
CA GLY A 37 21.63 7.99 4.77
C GLY A 37 22.43 6.79 4.39
N ALA A 38 21.95 5.63 4.78
CA ALA A 38 22.65 4.40 4.52
C ALA A 38 22.79 4.14 3.02
N MET A 39 23.62 3.16 2.67
CA MET A 39 23.95 2.83 1.29
C MET A 39 23.24 1.57 0.92
N LEU A 40 21.94 1.67 0.78
CA LEU A 40 21.10 0.50 0.54
C LEU A 40 20.12 0.75 -0.59
N SER A 41 19.71 -0.31 -1.24
CA SER A 41 18.59 -0.23 -2.18
C SER A 41 17.29 -0.21 -1.37
N ALA A 42 16.20 0.15 -2.03
CA ALA A 42 14.93 0.31 -1.37
C ALA A 42 13.91 0.66 -2.40
N GLU A 43 12.68 0.26 -2.15
CA GLU A 43 11.58 0.50 -3.06
C GLU A 43 10.29 0.73 -2.29
N GLY A 44 9.49 1.67 -2.77
CA GLY A 44 8.13 1.82 -2.28
C GLY A 44 7.29 2.71 -3.15
N GLU A 45 6.03 2.81 -2.80
CA GLU A 45 5.16 3.80 -3.38
C GLU A 45 5.75 5.13 -3.04
N ILE A 46 5.51 6.09 -3.91
CA ILE A 46 6.11 7.40 -3.82
C ILE A 46 5.17 8.32 -3.13
N VAL A 47 5.71 9.24 -2.34
CA VAL A 47 4.91 10.24 -1.69
C VAL A 47 5.66 11.53 -1.79
N GLN A 48 5.05 12.57 -2.37
CA GLN A 48 5.68 13.89 -2.52
C GLN A 48 5.44 14.51 -1.22
N MET A 49 6.43 15.25 -0.72
CA MET A 49 6.28 16.07 0.48
C MET A 49 6.80 17.46 0.21
N HIS A 50 5.96 18.47 0.46
CA HIS A 50 6.37 19.89 0.43
C HIS A 50 7.39 20.04 1.54
N PRO A 51 8.40 20.87 1.34
CA PRO A 51 9.42 20.93 2.37
C PRO A 51 8.92 21.63 3.66
N LEU A 52 7.98 22.56 3.52
CA LEU A 52 7.24 23.11 4.67
C LEU A 52 6.21 22.12 5.16
N GLY A 53 6.43 20.85 4.87
CA GLY A 53 5.59 19.80 5.40
C GLY A 53 6.46 18.86 6.21
N LEU A 54 7.69 19.25 6.43
CA LEU A 54 8.55 18.39 7.20
C LEU A 54 9.20 19.19 8.30
N CYS A 55 8.36 19.55 9.25
CA CYS A 55 8.75 20.14 10.49
C CYS A 55 8.22 19.24 11.58
N ASN A 56 9.02 19.04 12.64
CA ASN A 56 8.52 18.34 13.82
C ASN A 56 7.58 19.23 14.62
N ASN A 57 7.66 20.54 14.33
CA ASN A 57 6.88 21.59 15.00
C ASN A 57 5.43 21.22 15.36
N ASN A 58 4.61 20.92 14.36
CA ASN A 58 3.16 20.81 14.59
C ASN A 58 2.81 19.70 15.58
N ASP A 59 1.73 19.92 16.32
CA ASP A 59 1.22 18.97 17.32
C ASP A 59 1.14 17.56 16.71
N GLU A 60 0.58 17.47 15.50
CA GLU A 60 0.61 16.23 14.70
C GLU A 60 0.15 16.47 13.26
N GLU A 61 0.42 15.48 12.41
CA GLU A 61 0.18 15.55 10.99
C GLU A 61 -0.71 14.38 10.51
N ASP A 62 -0.85 14.25 9.19
CA ASP A 62 -1.63 13.18 8.61
C ASP A 62 -0.76 11.96 8.54
N LEU A 63 -1.35 10.78 8.68
CA LEU A 63 -0.55 9.56 8.75
C LEU A 63 -0.34 8.92 7.39
N TYR A 64 0.85 8.34 7.19
CA TYR A 64 1.17 7.61 5.95
C TYR A 64 1.51 6.14 6.17
N GLU A 65 0.96 5.31 5.31
CA GLU A 65 1.18 3.88 5.31
C GLU A 65 2.67 3.56 5.17
N TYR A 66 3.19 2.66 6.00
CA TYR A 66 4.62 2.51 6.19
C TYR A 66 5.37 1.95 5.00
N GLY A 67 6.53 2.52 4.67
CA GLY A 67 7.41 1.97 3.61
C GLY A 67 7.54 2.79 2.34
N TRP A 68 6.88 3.93 2.32
CA TRP A 68 6.89 4.91 1.24
C TRP A 68 8.27 5.48 0.92
N VAL A 69 8.38 6.13 -0.23
CA VAL A 69 9.60 6.73 -0.70
C VAL A 69 9.31 8.19 -0.82
N GLY A 70 9.97 8.99 0.00
CA GLY A 70 9.67 10.40 0.00
C GLY A 70 10.44 11.07 -1.11
N VAL A 71 9.78 12.03 -1.72
CA VAL A 71 10.32 12.74 -2.86
C VAL A 71 10.06 14.22 -2.60
N VAL A 72 11.15 14.98 -2.46
CA VAL A 72 11.09 16.32 -1.88
C VAL A 72 11.84 17.38 -2.74
N LYS A 73 11.06 18.02 -3.61
CA LYS A 73 11.50 19.16 -4.41
C LYS A 73 11.77 20.46 -3.59
N LEU A 74 13.04 20.68 -3.26
CA LEU A 74 13.49 21.91 -2.63
C LEU A 74 13.32 23.10 -3.58
N GLU A 75 13.12 24.28 -2.98
CA GLU A 75 12.88 25.50 -3.72
C GLU A 75 14.05 26.46 -3.47
N GLN A 76 14.17 27.52 -4.28
CA GLN A 76 15.18 28.57 -4.04
C GLN A 76 15.23 28.87 -2.54
N PRO A 77 16.43 28.90 -1.94
CA PRO A 77 16.40 29.00 -0.46
C PRO A 77 15.74 30.31 0.06
N GLU A 78 15.98 31.43 -0.62
CA GLU A 78 15.21 32.65 -0.36
C GLU A 78 13.69 32.43 -0.22
N LEU A 79 13.14 31.42 -0.90
CA LEU A 79 11.71 31.11 -0.79
C LEU A 79 11.37 30.25 0.45
N ASP A 80 12.40 29.75 1.11
CA ASP A 80 12.30 29.19 2.45
C ASP A 80 13.59 29.60 3.15
N PRO A 81 13.64 30.82 3.69
CA PRO A 81 14.88 31.46 4.13
C PRO A 81 15.36 30.98 5.49
N LYS A 82 14.46 30.91 6.46
CA LYS A 82 14.73 30.30 7.76
C LYS A 82 13.87 29.05 7.81
N PRO A 83 14.49 27.88 7.68
CA PRO A 83 13.75 26.62 7.66
C PRO A 83 13.63 25.97 9.02
N CYS A 84 12.52 25.26 9.25
CA CYS A 84 12.25 24.65 10.57
C CYS A 84 13.40 23.73 11.03
N LEU A 85 13.90 22.86 10.15
CA LEU A 85 15.04 21.94 10.46
C LEU A 85 15.98 21.89 9.26
N THR A 86 17.10 21.20 9.43
CA THR A 86 17.99 20.96 8.30
C THR A 86 17.36 19.95 7.37
N VAL A 87 17.67 20.06 6.09
CA VAL A 87 17.31 19.05 5.10
C VAL A 87 17.63 17.63 5.64
N LEU A 88 18.78 17.45 6.23
CA LEU A 88 19.04 16.23 6.97
C LEU A 88 17.86 16.05 7.91
N GLY A 89 17.59 17.05 8.73
CA GLY A 89 16.49 17.02 9.69
C GLY A 89 15.15 16.67 9.09
N LYS A 90 14.86 17.20 7.91
CA LYS A 90 13.62 16.82 7.21
C LYS A 90 13.68 15.39 6.65
N ALA A 91 14.88 14.86 6.43
CA ALA A 91 15.02 13.46 6.02
C ALA A 91 14.68 12.54 7.18
N LYS A 92 15.16 12.90 8.38
CA LYS A 92 14.92 12.14 9.60
C LYS A 92 13.44 12.13 9.92
N ARG A 93 12.78 13.24 9.63
CA ARG A 93 11.33 13.34 9.87
C ARG A 93 10.46 12.51 8.94
N ALA A 94 11.02 12.07 7.82
CA ALA A 94 10.25 11.29 6.86
C ALA A 94 10.45 9.84 7.18
N VAL A 95 11.71 9.45 7.38
CA VAL A 95 11.95 8.12 7.89
C VAL A 95 11.02 7.86 9.03
N GLN A 96 11.04 8.78 10.00
CA GLN A 96 10.27 8.61 11.22
C GLN A 96 8.86 8.25 10.85
N ARG A 97 8.22 9.14 10.11
CA ARG A 97 6.85 8.93 9.62
C ARG A 97 6.66 7.75 8.59
N GLY A 98 7.72 6.98 8.36
CA GLY A 98 7.62 5.65 7.77
C GLY A 98 8.41 5.49 6.49
N ALA A 99 8.92 6.59 5.95
CA ALA A 99 9.63 6.53 4.69
C ALA A 99 10.63 5.39 4.75
N THR A 100 10.69 4.56 3.70
CA THR A 100 11.78 3.61 3.59
C THR A 100 12.90 4.18 2.85
N ALA A 101 12.80 5.44 2.42
CA ALA A 101 13.90 6.15 1.69
C ALA A 101 13.51 7.53 1.29
N VAL A 102 14.50 8.40 1.03
CA VAL A 102 14.18 9.81 0.70
C VAL A 102 14.93 10.28 -0.50
N ILE A 103 14.23 11.02 -1.37
CA ILE A 103 14.84 11.52 -2.59
C ILE A 103 14.64 12.99 -2.76
N PHE A 104 15.74 13.72 -2.86
CA PHE A 104 15.66 15.19 -2.91
C PHE A 104 16.00 15.71 -4.27
N ASP A 105 15.05 16.40 -4.93
CA ASP A 105 15.39 17.17 -6.10
C ASP A 105 15.95 18.47 -5.61
N VAL A 106 17.28 18.48 -5.48
CA VAL A 106 18.08 19.64 -5.09
C VAL A 106 18.44 20.60 -6.25
N SER A 107 17.73 20.49 -7.38
CA SER A 107 18.11 21.20 -8.59
C SER A 107 18.17 22.70 -8.39
N GLU A 108 17.20 23.24 -7.66
CA GLU A 108 17.16 24.69 -7.40
C GLU A 108 17.81 25.05 -6.07
N ASN A 109 18.77 24.25 -5.63
CA ASN A 109 19.43 24.42 -4.32
C ASN A 109 20.50 23.35 -4.10
N PRO A 110 21.64 23.46 -4.82
CA PRO A 110 22.72 22.47 -4.64
C PRO A 110 23.37 22.60 -3.27
N GLU A 111 23.18 23.76 -2.64
CA GLU A 111 23.70 24.01 -1.29
C GLU A 111 23.24 22.87 -0.38
N ALA A 112 22.02 22.41 -0.64
CA ALA A 112 21.47 21.26 0.04
C ALA A 112 22.36 20.05 -0.21
N ILE A 113 22.86 19.92 -1.43
CA ILE A 113 23.71 18.78 -1.73
C ILE A 113 24.81 18.77 -0.74
N ASP A 114 25.43 19.93 -0.57
CA ASP A 114 26.65 20.02 0.23
C ASP A 114 26.31 19.83 1.70
N GLN A 115 25.16 20.33 2.16
CA GLN A 115 24.76 20.13 3.57
C GLN A 115 24.66 18.65 3.88
N LEU A 116 24.07 17.88 2.97
CA LEU A 116 23.74 16.49 3.22
C LEU A 116 24.94 15.57 3.45
N ASN A 117 25.94 15.68 2.58
CA ASN A 117 27.09 14.79 2.66
C ASN A 117 28.04 15.04 3.85
N GLN A 118 28.10 16.27 4.36
CA GLN A 118 28.88 16.52 5.58
C GLN A 118 27.92 16.66 6.77
N GLY A 119 27.35 15.54 7.18
CA GLY A 119 26.40 15.50 8.30
C GLY A 119 27.03 15.75 9.67
N SER A 120 26.61 16.83 10.33
CA SER A 120 26.86 17.02 11.77
C SER A 120 25.91 16.15 12.60
N GLU A 121 24.86 15.68 11.94
CA GLU A 121 23.81 14.88 12.55
C GLU A 121 24.07 13.44 12.10
N ASP A 122 23.98 12.50 13.03
CA ASP A 122 24.27 11.08 12.74
C ASP A 122 23.40 10.53 11.58
N PRO A 123 23.95 9.58 10.78
CA PRO A 123 23.33 9.20 9.50
C PRO A 123 22.17 8.22 9.67
N LEU A 124 21.05 8.50 8.98
CA LEU A 124 19.86 7.63 9.02
C LEU A 124 20.17 6.25 8.45
N LYS A 125 19.45 5.23 8.95
CA LYS A 125 19.68 3.83 8.54
C LYS A 125 18.89 3.42 7.28
N ARG A 126 18.29 4.41 6.62
CA ARG A 126 17.68 4.27 5.30
C ARG A 126 18.33 5.24 4.26
N PRO A 127 18.21 4.93 2.96
CA PRO A 127 18.88 5.71 1.91
C PRO A 127 18.39 7.13 1.78
N VAL A 128 19.30 8.08 1.62
CA VAL A 128 18.91 9.46 1.29
C VAL A 128 19.57 9.82 -0.02
N VAL A 129 18.79 9.77 -1.10
CA VAL A 129 19.33 9.99 -2.41
C VAL A 129 18.94 11.37 -2.81
N TYR A 130 19.71 11.96 -3.71
CA TYR A 130 19.35 13.24 -4.30
C TYR A 130 19.54 13.25 -5.84
N VAL A 131 18.82 14.12 -6.51
CA VAL A 131 18.86 14.18 -7.98
C VAL A 131 18.92 15.62 -8.45
N LYS A 132 19.14 15.79 -9.75
CA LYS A 132 19.19 17.08 -10.42
C LYS A 132 19.08 17.02 -11.98
N GLY A 133 18.99 18.18 -12.61
CA GLY A 133 18.95 18.25 -14.05
C GLY A 133 17.81 17.47 -14.66
N ALA A 134 18.09 16.80 -15.77
CA ALA A 134 17.10 15.99 -16.46
C ALA A 134 16.55 14.93 -15.53
N ASP A 135 17.44 14.31 -14.76
CA ASP A 135 17.04 13.22 -13.87
C ASP A 135 15.98 13.75 -12.95
N ALA A 136 16.33 14.79 -12.21
CA ALA A 136 15.33 15.48 -11.44
C ALA A 136 14.14 15.77 -12.31
N ILE A 137 14.31 16.57 -13.34
CA ILE A 137 13.17 16.96 -14.20
C ILE A 137 12.25 15.77 -14.50
N LYS A 138 12.84 14.71 -15.00
CA LYS A 138 12.13 13.46 -15.33
C LYS A 138 11.25 13.05 -14.17
N LEU A 139 11.88 12.92 -13.00
CA LEU A 139 11.18 12.40 -11.83
C LEU A 139 9.94 13.19 -11.58
N MET A 140 10.07 14.50 -11.68
CA MET A 140 8.97 15.35 -11.25
C MET A 140 7.86 15.32 -12.28
N ASN A 141 8.19 15.25 -13.58
CA ASN A 141 7.16 15.11 -14.59
C ASN A 141 6.18 13.98 -14.26
N ILE A 142 6.72 12.88 -13.76
CA ILE A 142 5.89 11.75 -13.41
C ILE A 142 5.08 12.14 -12.19
N VAL A 143 5.79 12.46 -11.12
CA VAL A 143 5.16 12.78 -9.85
C VAL A 143 4.07 13.84 -9.99
N ASN A 144 4.41 14.90 -10.69
CA ASN A 144 3.48 15.98 -10.94
C ASN A 144 2.19 15.56 -11.62
N LYS A 145 2.26 14.63 -12.56
CA LYS A 145 1.14 14.39 -13.50
C LYS A 145 0.43 13.05 -13.33
N GLN A 146 0.70 12.34 -12.25
CA GLN A 146 0.17 11.02 -12.08
C GLN A 146 -0.32 10.85 -10.66
N LYS A 147 -1.14 9.84 -10.47
CA LYS A 147 -1.82 9.67 -9.22
C LYS A 147 -1.01 8.77 -8.32
N VAL A 148 -0.52 7.67 -8.86
CA VAL A 148 0.35 6.75 -8.12
C VAL A 148 1.56 6.33 -8.93
N ALA A 149 2.70 6.17 -8.28
CA ALA A 149 3.88 5.54 -8.89
C ALA A 149 4.74 4.83 -7.83
N ARG A 150 5.27 3.66 -8.16
CA ARG A 150 6.31 3.02 -7.32
C ARG A 150 7.76 3.39 -7.72
N ALA A 151 8.62 3.72 -6.73
CA ALA A 151 10.06 3.89 -6.99
C ALA A 151 10.85 2.65 -6.62
N ARG A 152 11.97 2.46 -7.32
CA ARG A 152 12.95 1.42 -7.01
C ARG A 152 14.36 2.00 -7.10
N ILE A 153 14.99 2.20 -5.95
CA ILE A 153 16.33 2.71 -5.87
C ILE A 153 17.24 1.53 -5.65
N GLN A 154 18.39 1.51 -6.33
CA GLN A 154 19.27 0.34 -6.38
C GLN A 154 20.74 0.70 -6.23
N HIS A 155 21.40 0.06 -5.26
CA HIS A 155 22.81 0.23 -4.97
C HIS A 155 23.58 -0.88 -5.61
N LEU A 156 24.68 -0.54 -6.30
CA LEU A 156 25.49 -1.51 -7.05
C LEU A 156 27.00 -1.28 -6.84
N ILE B 6 0.94 35.20 -10.04
CA ILE B 6 0.35 34.08 -10.83
C ILE B 6 -0.47 33.29 -9.84
N CYS B 7 0.24 32.82 -8.82
CA CYS B 7 -0.35 32.02 -7.76
C CYS B 7 -1.14 32.92 -6.85
N LYS B 8 -2.23 32.36 -6.32
CA LYS B 8 -3.08 33.08 -5.36
C LYS B 8 -2.47 33.10 -3.94
N GLY B 9 -2.68 34.21 -3.25
CA GLY B 9 -2.27 34.39 -1.87
C GLY B 9 -0.82 34.11 -1.58
N CYS B 10 0.06 34.48 -2.50
CA CYS B 10 1.41 33.90 -2.50
C CYS B 10 2.58 34.85 -2.67
N LEU B 11 3.60 34.70 -1.80
CA LEU B 11 4.92 35.35 -2.02
C LEU B 11 5.69 34.59 -3.12
N SER B 12 5.95 33.31 -2.85
CA SER B 12 6.70 32.45 -3.77
C SER B 12 5.85 31.31 -4.33
N CYS B 13 6.28 30.78 -5.45
CA CYS B 13 5.47 29.92 -6.27
C CYS B 13 6.33 28.81 -6.81
N SER B 14 5.69 27.76 -7.35
CA SER B 14 6.41 26.64 -8.02
C SER B 14 5.47 25.66 -8.65
N LYS B 15 5.83 25.16 -9.83
CA LYS B 15 5.07 24.12 -10.51
C LYS B 15 4.87 22.96 -9.56
N ASP B 16 5.92 22.66 -8.80
CA ASP B 16 5.99 21.38 -8.13
C ASP B 16 5.50 21.37 -6.74
N ASN B 17 5.56 22.54 -6.12
CA ASN B 17 5.27 22.65 -4.71
C ASN B 17 4.22 23.70 -4.43
N GLY B 18 3.44 24.03 -5.45
CA GLY B 18 2.45 25.09 -5.39
C GLY B 18 3.00 26.33 -4.73
N CYS B 19 2.12 26.96 -3.95
CA CYS B 19 2.45 28.07 -3.05
C CYS B 19 3.49 27.65 -2.06
N SER B 20 4.43 28.53 -1.82
CA SER B 20 5.39 28.34 -0.74
C SER B 20 5.39 29.61 0.06
N ARG B 21 5.36 29.46 1.38
CA ARG B 21 5.41 30.59 2.32
C ARG B 21 4.31 31.61 2.03
N CYS B 22 3.08 31.13 2.13
CA CYS B 22 1.88 31.95 2.05
C CYS B 22 2.10 33.41 2.49
N GLN B 23 1.56 34.38 1.76
CA GLN B 23 1.52 35.76 2.30
C GLN B 23 0.78 35.79 3.63
N GLN B 24 1.41 36.42 4.62
CA GLN B 24 1.02 36.24 6.03
C GLN B 24 -0.46 36.40 6.32
N LYS B 25 -1.12 37.35 5.66
CA LYS B 25 -2.56 37.59 5.86
C LYS B 25 -3.47 36.34 5.65
N LEU B 26 -3.10 35.46 4.72
CA LEU B 26 -3.89 34.24 4.46
C LEU B 26 -3.30 33.03 5.18
N PHE B 27 -3.98 31.89 5.10
CA PHE B 27 -3.54 30.67 5.80
C PHE B 27 -2.99 29.58 4.85
N PHE B 28 -1.91 28.92 5.27
CA PHE B 28 -1.22 27.85 4.48
C PHE B 28 -1.77 26.41 4.61
N PHE B 29 -2.26 25.85 3.51
CA PHE B 29 -2.92 24.53 3.54
C PHE B 29 -2.21 23.54 2.63
N LEU B 30 -1.40 22.65 3.20
CA LEU B 30 -0.89 21.54 2.41
C LEU B 30 -2.10 20.80 1.94
N ARG B 31 -2.29 20.71 0.62
CA ARG B 31 -3.36 19.90 0.06
C ARG B 31 -2.73 18.65 -0.57
N ARG B 32 -3.50 17.59 -0.68
CA ARG B 32 -2.97 16.29 -1.09
C ARG B 32 -3.85 15.77 -2.23
N GLU B 33 -3.19 15.40 -3.32
CA GLU B 33 -3.82 14.77 -4.47
C GLU B 33 -3.01 13.55 -4.92
N GLY B 34 -3.35 12.40 -4.35
CA GLY B 34 -2.67 11.18 -4.65
C GLY B 34 -1.33 11.27 -3.97
N MET B 35 -0.27 11.24 -4.77
CA MET B 35 1.05 11.31 -4.18
C MET B 35 1.56 12.76 -4.15
N ARG B 36 0.71 13.67 -4.58
CA ARG B 36 1.09 15.05 -4.81
C ARG B 36 0.77 15.86 -3.56
N GLN B 37 1.61 16.82 -3.24
CA GLN B 37 1.34 17.75 -2.15
C GLN B 37 1.98 19.07 -2.47
N TYR B 38 1.10 20.09 -2.53
CA TYR B 38 1.48 21.44 -2.89
C TYR B 38 0.79 22.42 -1.95
N GLY B 39 1.42 23.57 -1.70
CA GLY B 39 0.82 24.64 -0.88
C GLY B 39 -0.39 25.37 -1.50
N GLU B 40 -1.44 25.60 -0.72
CA GLU B 40 -2.56 26.44 -1.12
C GLU B 40 -2.64 27.57 -0.06
N CYS B 41 -3.20 28.73 -0.44
CA CYS B 41 -3.16 29.94 0.41
C CYS B 41 -4.51 30.58 0.55
N LEU B 42 -5.21 30.20 1.63
CA LEU B 42 -6.64 30.48 1.73
C LEU B 42 -6.99 31.71 2.60
N HIS B 43 -8.06 32.36 2.16
CA HIS B 43 -8.90 33.20 2.99
C HIS B 43 -9.06 32.59 4.40
N SER B 44 -9.66 31.40 4.42
CA SER B 44 -10.03 30.68 5.62
C SER B 44 -9.90 29.16 5.39
N CYS B 45 -9.34 28.47 6.39
CA CYS B 45 -9.10 27.06 6.31
C CYS B 45 -10.35 26.24 6.03
N PRO B 46 -10.17 25.09 5.38
CA PRO B 46 -11.36 24.26 5.02
C PRO B 46 -11.88 23.36 6.17
N SER B 47 -12.99 22.67 5.88
CA SER B 47 -13.61 21.78 6.82
C SER B 47 -12.58 21.00 7.56
N GLY B 48 -12.52 21.22 8.87
CA GLY B 48 -11.68 20.41 9.75
C GLY B 48 -10.32 21.02 10.03
N TYR B 49 -10.13 22.27 9.65
CA TYR B 49 -8.85 22.90 9.90
C TYR B 49 -9.08 24.25 10.51
N TYR B 50 -8.03 24.86 11.03
CA TYR B 50 -8.22 26.19 11.61
C TYR B 50 -6.96 27.05 11.53
N GLY B 51 -7.16 28.35 11.33
CA GLY B 51 -6.05 29.29 11.36
C GLY B 51 -5.23 29.11 12.61
N HIS B 52 -3.93 29.28 12.52
CA HIS B 52 -3.08 29.01 13.65
C HIS B 52 -1.75 29.60 13.30
N ARG B 53 -1.11 30.21 14.27
CA ARG B 53 0.17 30.85 14.04
C ARG B 53 1.20 29.89 14.58
N ALA B 54 1.85 29.18 13.66
CA ALA B 54 3.00 28.35 13.98
C ALA B 54 4.25 29.23 14.14
N PRO B 55 5.33 28.68 14.73
CA PRO B 55 6.55 29.49 14.86
C PRO B 55 6.94 30.13 13.53
N ASP B 56 7.18 29.29 12.53
CA ASP B 56 7.58 29.73 11.18
C ASP B 56 6.47 30.47 10.39
N MET B 57 5.22 30.05 10.52
CA MET B 57 4.13 30.66 9.75
C MET B 57 2.70 30.32 10.22
N ASN B 58 1.73 30.98 9.60
CA ASN B 58 0.33 30.78 9.93
C ASN B 58 -0.38 29.81 8.97
N ARG B 59 -0.54 28.57 9.46
CA ARG B 59 -0.99 27.46 8.64
C ARG B 59 -2.22 26.79 9.19
N CYS B 60 -3.20 26.53 8.32
CA CYS B 60 -4.30 25.65 8.65
C CYS B 60 -3.79 24.39 9.35
N ALA B 61 -4.53 23.92 10.36
CA ALA B 61 -4.16 22.68 11.07
C ALA B 61 -5.40 21.89 11.40
N ARG B 62 -5.19 20.61 11.68
CA ARG B 62 -6.31 19.72 11.97
C ARG B 62 -6.81 19.93 13.38
N CYS B 63 -8.06 20.35 13.46
CA CYS B 63 -8.88 20.19 14.64
C CYS B 63 -8.72 18.82 15.29
N ARG B 64 -8.20 18.79 16.52
CA ARG B 64 -8.06 17.54 17.28
C ARG B 64 -9.38 16.80 17.34
N ILE B 65 -10.46 17.55 17.44
CA ILE B 65 -11.80 16.98 17.58
C ILE B 65 -12.29 16.38 16.25
N GLU B 66 -12.77 15.13 16.29
CA GLU B 66 -13.24 14.45 15.10
C GLU B 66 -14.57 15.05 14.60
N ASN B 67 -14.83 14.93 13.31
CA ASN B 67 -16.06 15.43 12.68
C ASN B 67 -16.35 16.95 12.80
N CYS B 68 -15.44 17.72 13.38
CA CYS B 68 -15.76 19.09 13.71
C CYS B 68 -15.20 20.06 12.70
N ASP B 69 -16.12 20.73 12.01
CA ASP B 69 -15.84 21.52 10.82
C ASP B 69 -14.93 22.72 11.02
N SER B 70 -15.04 23.42 12.15
CA SER B 70 -14.21 24.63 12.38
C SER B 70 -13.83 24.80 13.85
N CYS B 71 -12.62 25.33 14.09
CA CYS B 71 -12.02 25.35 15.42
C CYS B 71 -11.73 26.75 15.84
N PHE B 72 -11.42 26.90 17.11
CA PHE B 72 -10.73 28.09 17.60
C PHE B 72 -9.42 27.67 18.23
N SER B 73 -9.32 26.39 18.55
CA SER B 73 -8.16 25.83 19.21
C SER B 73 -8.03 24.37 18.78
N LYS B 74 -6.84 23.80 18.99
CA LYS B 74 -6.60 22.39 18.63
C LYS B 74 -7.72 21.50 19.17
N ASP B 75 -8.18 21.78 20.39
CA ASP B 75 -9.12 20.91 21.11
C ASP B 75 -10.52 21.49 21.36
N PHE B 76 -10.68 22.81 21.23
CA PHE B 76 -11.99 23.46 21.38
C PHE B 76 -12.59 23.66 20.00
N CYS B 77 -13.82 23.19 19.80
CA CYS B 77 -14.45 23.27 18.51
C CYS B 77 -15.75 24.07 18.37
N THR B 78 -15.62 25.26 17.79
CA THR B 78 -16.72 26.13 17.38
C THR B 78 -17.92 25.48 16.66
N LYS B 79 -17.73 24.76 15.55
CA LYS B 79 -18.86 24.18 14.80
C LYS B 79 -18.61 22.74 14.42
N CYS B 80 -19.67 21.96 14.36
CA CYS B 80 -19.57 20.59 13.90
C CYS B 80 -20.17 20.45 12.48
N LYS B 81 -19.55 19.61 11.65
CA LYS B 81 -19.95 19.43 10.24
C LYS B 81 -21.39 18.98 10.07
N VAL B 82 -21.90 19.07 8.83
CA VAL B 82 -23.32 18.85 8.57
C VAL B 82 -23.77 17.46 9.02
N GLY B 83 -24.87 17.43 9.78
CA GLY B 83 -25.41 16.22 10.41
C GLY B 83 -24.73 15.86 11.73
N PHE B 84 -24.43 16.87 12.55
CA PHE B 84 -23.70 16.65 13.81
C PHE B 84 -23.89 17.79 14.81
N TYR B 85 -23.59 17.52 16.09
CA TYR B 85 -23.95 18.44 17.19
C TYR B 85 -22.80 18.81 18.14
N LEU B 86 -22.42 20.08 18.19
CA LEU B 86 -21.25 20.52 18.96
C LEU B 86 -21.58 21.29 20.25
N HIS B 87 -21.01 20.86 21.39
CA HIS B 87 -21.03 21.70 22.63
C HIS B 87 -19.82 21.41 23.56
N ARG B 88 -19.40 22.45 24.29
CA ARG B 88 -18.25 22.41 25.20
C ARG B 88 -16.94 21.91 24.55
N GLY B 89 -16.82 22.12 23.24
CA GLY B 89 -15.62 21.75 22.49
C GLY B 89 -15.70 20.45 21.69
N ARG B 90 -16.46 19.48 22.19
CA ARG B 90 -16.66 18.21 21.50
C ARG B 90 -17.73 18.30 20.40
N CYS B 91 -17.92 17.21 19.67
CA CYS B 91 -19.01 17.11 18.70
C CYS B 91 -19.38 15.64 18.48
N PHE B 92 -20.68 15.36 18.60
CA PHE B 92 -21.25 14.00 18.75
C PHE B 92 -22.26 13.80 17.61
N ASP B 93 -22.45 12.55 17.16
CA ASP B 93 -23.36 12.30 16.04
C ASP B 93 -24.81 12.68 16.39
N GLU B 94 -25.34 12.13 17.49
CA GLU B 94 -26.76 12.32 17.87
C GLU B 94 -26.89 12.78 19.32
N CYS B 95 -27.26 14.05 19.50
CA CYS B 95 -27.12 14.77 20.78
C CYS B 95 -27.24 13.81 21.99
N PRO B 96 -26.22 13.78 22.88
CA PRO B 96 -26.22 12.77 23.94
C PRO B 96 -27.24 12.99 25.06
N ASP B 97 -27.73 11.89 25.60
CA ASP B 97 -28.65 11.92 26.74
C ASP B 97 -28.18 12.94 27.80
N GLY B 98 -29.15 13.58 28.47
CA GLY B 98 -28.91 14.67 29.43
C GLY B 98 -29.42 16.03 28.96
N PHE B 99 -29.59 16.18 27.66
CA PHE B 99 -30.01 17.44 27.04
C PHE B 99 -30.88 17.16 25.83
N ALA B 100 -31.25 18.23 25.14
CA ALA B 100 -32.17 18.13 24.02
C ALA B 100 -31.61 18.82 22.79
N PRO B 101 -31.75 18.19 21.59
CA PRO B 101 -31.21 18.86 20.39
C PRO B 101 -32.00 20.11 20.00
N LEU B 102 -31.31 21.01 19.35
CA LEU B 102 -31.90 22.21 18.80
C LEU B 102 -31.45 22.25 17.34
N ASP B 103 -32.06 21.38 16.53
CA ASP B 103 -31.63 21.17 15.14
C ASP B 103 -31.51 22.44 14.32
N GLU B 104 -32.14 23.53 14.77
CA GLU B 104 -31.91 24.85 14.18
C GLU B 104 -30.50 25.38 14.52
N THR B 105 -30.02 25.12 15.73
CA THR B 105 -28.60 25.36 16.06
C THR B 105 -27.79 24.05 16.12
N MET B 106 -28.46 22.92 15.84
CA MET B 106 -27.86 21.58 15.91
C MET B 106 -27.05 21.43 17.18
N GLU B 107 -27.63 21.89 18.28
CA GLU B 107 -26.95 21.90 19.55
C GLU B 107 -27.35 20.68 20.33
N CYS B 108 -26.95 20.69 21.60
CA CYS B 108 -27.17 19.57 22.47
C CYS B 108 -27.36 20.00 23.91
N LYS C 4 22.33 -18.11 -7.34
CA LYS C 4 23.80 -17.97 -7.59
C LYS C 4 24.46 -17.15 -6.49
N GLU C 5 23.80 -16.03 -6.14
CA GLU C 5 24.21 -15.15 -5.07
C GLU C 5 23.24 -15.34 -3.86
N THR C 6 23.73 -15.07 -2.65
CA THR C 6 22.90 -15.16 -1.45
C THR C 6 21.98 -13.94 -1.33
N ALA C 7 20.71 -14.23 -1.02
CA ALA C 7 19.67 -13.23 -0.85
C ALA C 7 19.52 -12.95 0.60
N PHE C 8 19.60 -11.68 0.95
CA PHE C 8 19.45 -11.27 2.33
C PHE C 8 18.03 -10.72 2.51
N VAL C 9 17.22 -11.45 3.27
CA VAL C 9 15.84 -11.04 3.53
C VAL C 9 15.74 -10.42 4.91
N GLU C 10 15.30 -9.15 4.99
CA GLU C 10 14.92 -8.51 6.24
C GLU C 10 13.37 -8.44 6.39
N VAL C 11 12.81 -9.09 7.39
CA VAL C 11 11.34 -9.01 7.61
C VAL C 11 11.00 -8.00 8.68
N VAL C 12 10.48 -6.85 8.27
CA VAL C 12 10.20 -5.74 9.14
C VAL C 12 8.74 -5.71 9.67
N LEU C 13 8.60 -5.78 11.00
CA LEU C 13 7.33 -5.53 11.67
C LEU C 13 7.29 -4.07 12.12
N PHE C 14 6.16 -3.39 11.89
CA PHE C 14 6.05 -1.96 12.23
C PHE C 14 4.77 -1.68 12.98
N GLU C 15 4.75 -0.51 13.63
CA GLU C 15 3.58 -0.01 14.32
C GLU C 15 3.48 1.50 14.14
N SER C 16 2.30 1.93 13.73
CA SER C 16 2.00 3.34 13.66
C SER C 16 1.84 3.82 15.08
N SER C 17 2.88 4.44 15.63
CA SER C 17 2.78 5.02 16.97
C SER C 17 1.74 6.16 16.94
N PRO C 18 1.08 6.42 18.08
CA PRO C 18 0.10 7.49 18.11
C PRO C 18 0.69 8.86 17.80
N SER C 19 1.99 9.04 18.04
CA SER C 19 2.67 10.31 17.74
C SER C 19 2.75 10.66 16.24
N GLY C 20 2.21 9.81 15.37
CA GLY C 20 2.37 9.93 13.92
C GLY C 20 3.54 9.07 13.44
N ASP C 21 4.62 9.03 14.23
CA ASP C 21 5.82 8.25 13.94
C ASP C 21 5.55 6.72 13.88
N TYR C 22 6.60 5.97 13.53
CA TYR C 22 6.49 4.53 13.29
C TYR C 22 7.62 3.91 14.02
N THR C 23 7.34 2.80 14.74
CA THR C 23 8.41 1.97 15.30
C THR C 23 8.49 0.65 14.49
N THR C 24 9.68 0.02 14.44
CA THR C 24 9.89 -1.19 13.63
C THR C 24 10.79 -2.30 14.22
N HIS C 25 10.44 -3.56 13.99
CA HIS C 25 11.23 -4.67 14.46
C HIS C 25 11.75 -5.58 13.33
N THR C 26 13.03 -5.42 13.01
CA THR C 26 13.63 -6.18 11.94
C THR C 26 13.98 -7.61 12.34
N THR C 27 13.66 -8.57 11.48
CA THR C 27 14.11 -9.95 11.58
C THR C 27 14.99 -10.21 10.36
N GLY C 28 15.75 -11.30 10.34
CA GLY C 28 16.75 -11.53 9.31
C GLY C 28 16.73 -12.94 8.80
N LEU C 29 16.93 -13.11 7.52
CA LEU C 29 16.99 -14.42 6.95
C LEU C 29 17.86 -14.37 5.72
N THR C 30 18.17 -15.55 5.23
CA THR C 30 18.95 -15.72 4.04
C THR C 30 18.32 -16.84 3.24
N GLY C 31 18.37 -16.67 1.92
CA GLY C 31 17.98 -17.68 0.95
C GLY C 31 18.84 -17.43 -0.26
N ARG C 32 18.43 -17.88 -1.44
CA ARG C 32 19.26 -17.65 -2.63
C ARG C 32 18.45 -17.22 -3.83
N PHE C 33 19.05 -16.42 -4.69
CA PHE C 33 18.35 -15.96 -5.88
C PHE C 33 18.29 -17.07 -6.90
N SER C 34 17.08 -17.44 -7.32
CA SER C 34 16.94 -18.29 -8.49
C SER C 34 17.28 -17.54 -9.78
N ARG C 35 17.97 -18.22 -10.69
CA ARG C 35 18.21 -17.68 -12.04
C ARG C 35 16.92 -17.73 -12.87
N ALA C 36 15.84 -18.27 -12.30
CA ALA C 36 14.50 -18.03 -12.83
C ALA C 36 14.22 -16.54 -12.90
N GLY C 37 14.97 -15.75 -12.13
CA GLY C 37 14.64 -14.37 -11.98
C GLY C 37 15.81 -13.47 -11.76
N ALA C 38 15.57 -12.19 -11.98
CA ALA C 38 16.58 -11.16 -11.91
C ALA C 38 17.36 -11.18 -10.61
N MET C 39 18.62 -10.75 -10.67
CA MET C 39 19.47 -10.70 -9.49
C MET C 39 19.44 -9.26 -9.05
N LEU C 40 18.30 -8.86 -8.51
CA LEU C 40 18.07 -7.49 -8.04
C LEU C 40 17.48 -7.54 -6.65
N SER C 41 17.87 -6.57 -5.84
CA SER C 41 17.14 -6.28 -4.62
C SER C 41 15.69 -5.87 -4.94
N ALA C 42 14.86 -5.85 -3.89
CA ALA C 42 13.43 -5.57 -3.94
C ALA C 42 12.92 -5.34 -2.50
N GLU C 43 11.69 -4.82 -2.38
CA GLU C 43 11.03 -4.59 -1.11
C GLU C 43 9.50 -4.46 -1.32
N GLY C 44 8.73 -4.93 -0.35
CA GLY C 44 7.31 -4.74 -0.42
C GLY C 44 6.54 -5.38 0.72
N GLU C 45 5.30 -4.90 0.89
CA GLU C 45 4.33 -5.52 1.70
C GLU C 45 4.32 -6.98 1.32
N ILE C 46 4.47 -7.84 2.32
CA ILE C 46 4.39 -9.27 2.13
C ILE C 46 2.96 -9.70 1.94
N VAL C 47 2.76 -10.64 1.03
CA VAL C 47 1.51 -11.30 0.85
C VAL C 47 1.89 -12.76 0.67
N GLN C 48 1.30 -13.65 1.44
CA GLN C 48 1.35 -15.08 1.14
C GLN C 48 0.44 -15.43 -0.03
N MET C 49 0.81 -16.42 -0.81
CA MET C 49 -0.13 -17.02 -1.74
C MET C 49 -0.10 -18.54 -1.58
N HIS C 50 -1.28 -19.15 -1.58
CA HIS C 50 -1.37 -20.59 -1.63
C HIS C 50 -0.85 -21.00 -3.02
N PRO C 51 -0.17 -22.15 -3.13
CA PRO C 51 0.34 -22.46 -4.46
C PRO C 51 -0.78 -22.64 -5.48
N LEU C 52 -1.87 -23.27 -5.03
CA LEU C 52 -3.09 -23.43 -5.83
C LEU C 52 -3.80 -22.14 -6.18
N GLY C 53 -3.47 -21.05 -5.50
CA GLY C 53 -3.95 -19.76 -5.92
C GLY C 53 -3.31 -19.25 -7.19
N LEU C 54 -2.27 -19.94 -7.68
CA LEU C 54 -1.51 -19.42 -8.80
C LEU C 54 -1.75 -20.24 -10.06
N CYS C 55 -3.00 -20.22 -10.51
CA CYS C 55 -3.38 -20.84 -11.75
C CYS C 55 -3.88 -19.78 -12.73
N ASN C 56 -3.45 -19.92 -13.99
CA ASN C 56 -4.01 -19.13 -15.08
C ASN C 56 -5.46 -19.52 -15.29
N ASN C 57 -5.77 -20.76 -14.92
CA ASN C 57 -7.12 -21.34 -14.99
C ASN C 57 -8.25 -20.39 -14.61
N ASN C 58 -8.11 -19.67 -13.49
CA ASN C 58 -9.14 -18.73 -13.10
C ASN C 58 -9.21 -17.58 -14.10
N ASP C 59 -10.42 -17.34 -14.61
CA ASP C 59 -10.72 -16.25 -15.53
C ASP C 59 -10.51 -14.90 -14.81
N GLU C 60 -11.01 -14.82 -13.57
CA GLU C 60 -10.92 -13.63 -12.73
C GLU C 60 -10.59 -14.05 -11.29
N GLU C 61 -9.66 -13.34 -10.67
CA GLU C 61 -9.13 -13.72 -9.37
C GLU C 61 -9.38 -12.56 -8.38
N ASP C 62 -8.71 -12.54 -7.24
CA ASP C 62 -8.72 -11.35 -6.37
C ASP C 62 -7.68 -10.41 -6.93
N LEU C 63 -7.84 -9.11 -6.70
CA LEU C 63 -6.79 -8.12 -7.02
C LEU C 63 -5.86 -7.88 -5.81
N TYR C 64 -4.59 -7.60 -6.08
CA TYR C 64 -3.64 -7.20 -5.03
C TYR C 64 -2.96 -5.89 -5.44
N GLU C 65 -2.66 -5.05 -4.46
CA GLU C 65 -2.03 -3.79 -4.76
C GLU C 65 -0.66 -4.03 -5.30
N TYR C 66 -0.30 -3.29 -6.33
CA TYR C 66 0.95 -3.49 -7.04
C TYR C 66 2.16 -3.30 -6.15
N GLY C 67 3.07 -4.26 -6.14
CA GLY C 67 4.33 -4.12 -5.39
C GLY C 67 4.55 -5.12 -4.26
N TRP C 68 3.74 -6.18 -4.21
CA TRP C 68 3.72 -7.10 -3.09
C TRP C 68 4.86 -8.08 -3.25
N VAL C 69 5.46 -8.50 -2.13
CA VAL C 69 6.48 -9.54 -2.12
C VAL C 69 5.74 -10.81 -1.81
N GLY C 70 5.57 -11.63 -2.81
CA GLY C 70 4.83 -12.85 -2.58
C GLY C 70 5.64 -13.69 -1.63
N VAL C 71 4.94 -14.53 -0.88
CA VAL C 71 5.55 -15.61 -0.12
C VAL C 71 4.75 -16.88 -0.34
N VAL C 72 5.38 -17.96 -0.76
CA VAL C 72 4.67 -19.16 -1.18
C VAL C 72 5.30 -20.44 -0.65
N LYS C 73 4.67 -21.04 0.35
CA LYS C 73 5.03 -22.37 0.86
C LYS C 73 4.72 -23.48 -0.15
N LEU C 74 5.75 -23.98 -0.80
CA LEU C 74 5.60 -25.13 -1.67
C LEU C 74 5.23 -26.36 -0.86
N GLU C 75 4.44 -27.25 -1.47
CA GLU C 75 4.01 -28.46 -0.77
C GLU C 75 4.81 -29.66 -1.20
N GLN C 76 4.66 -30.73 -0.42
CA GLN C 76 5.28 -32.03 -0.69
C GLN C 76 4.89 -32.43 -2.10
N PRO C 77 5.87 -32.71 -2.96
CA PRO C 77 5.49 -32.94 -4.35
C PRO C 77 4.23 -33.78 -4.56
N GLU C 78 4.09 -34.88 -3.83
CA GLU C 78 2.99 -35.82 -4.04
C GLU C 78 1.57 -35.37 -3.60
N LEU C 79 1.37 -34.09 -3.31
CA LEU C 79 0.08 -33.62 -2.80
C LEU C 79 -0.73 -32.78 -3.79
N ASP C 80 -0.11 -32.49 -4.94
CA ASP C 80 -0.81 -32.04 -6.14
C ASP C 80 -0.26 -32.90 -7.28
N PRO C 81 -1.11 -33.76 -7.88
CA PRO C 81 -0.63 -34.70 -8.92
C PRO C 81 -0.17 -33.98 -10.19
N LYS C 82 -0.98 -33.04 -10.66
CA LYS C 82 -0.62 -32.18 -11.75
C LYS C 82 -1.03 -30.78 -11.35
N PRO C 83 -0.10 -29.82 -11.45
CA PRO C 83 -0.46 -28.46 -11.14
C PRO C 83 -1.05 -27.77 -12.34
N CYS C 84 -1.70 -26.64 -12.10
CA CYS C 84 -2.09 -25.75 -13.16
C CYS C 84 -0.82 -25.34 -13.91
N LEU C 85 0.25 -25.02 -13.18
CA LEU C 85 1.52 -24.54 -13.78
C LEU C 85 2.72 -25.09 -13.03
N THR C 86 3.89 -24.93 -13.61
CA THR C 86 5.12 -25.30 -12.96
C THR C 86 5.51 -24.21 -12.00
N VAL C 87 6.29 -24.53 -10.97
CA VAL C 87 6.76 -23.49 -10.07
C VAL C 87 7.14 -22.21 -10.83
N LEU C 88 7.99 -22.32 -11.84
CA LEU C 88 8.29 -21.22 -12.76
C LEU C 88 7.01 -20.52 -13.15
N GLY C 89 6.08 -21.29 -13.72
CA GLY C 89 4.85 -20.72 -14.26
C GLY C 89 4.20 -19.84 -13.22
N LYS C 90 4.13 -20.35 -12.00
CA LYS C 90 3.46 -19.67 -10.94
C LYS C 90 4.17 -18.36 -10.62
N ALA C 91 5.50 -18.32 -10.58
CA ALA C 91 6.18 -17.05 -10.29
C ALA C 91 5.73 -15.97 -11.27
N LYS C 92 5.77 -16.30 -12.55
CA LYS C 92 5.18 -15.50 -13.59
C LYS C 92 3.74 -14.97 -13.21
N ARG C 93 2.86 -15.87 -12.77
CA ARG C 93 1.56 -15.41 -12.36
C ARG C 93 1.75 -14.31 -11.33
N ALA C 94 2.57 -14.59 -10.31
CA ALA C 94 2.75 -13.66 -9.21
C ALA C 94 3.15 -12.32 -9.78
N VAL C 95 4.26 -12.32 -10.49
CA VAL C 95 4.78 -11.11 -11.05
C VAL C 95 3.72 -10.43 -11.91
N GLN C 96 2.98 -11.23 -12.68
CA GLN C 96 1.94 -10.67 -13.51
C GLN C 96 0.86 -10.05 -12.65
N ARG C 97 0.64 -10.61 -11.47
CA ARG C 97 -0.40 -10.09 -10.59
C ARG C 97 0.09 -8.95 -9.69
N GLY C 98 1.33 -8.49 -9.89
CA GLY C 98 1.82 -7.28 -9.24
C GLY C 98 2.92 -7.55 -8.22
N ALA C 99 3.32 -8.81 -8.09
CA ALA C 99 4.44 -9.22 -7.31
C ALA C 99 5.65 -8.47 -7.78
N THR C 100 6.33 -7.79 -6.84
CA THR C 100 7.64 -7.14 -7.06
C THR C 100 8.75 -8.13 -6.86
N ALA C 101 8.40 -9.31 -6.32
CA ALA C 101 9.35 -10.40 -6.10
C ALA C 101 8.55 -11.55 -5.59
N VAL C 102 9.15 -12.75 -5.63
CA VAL C 102 8.54 -13.95 -5.04
C VAL C 102 9.54 -14.77 -4.25
N ILE C 103 9.12 -15.29 -3.10
CA ILE C 103 9.99 -16.04 -2.15
C ILE C 103 9.31 -17.34 -1.78
N PHE C 104 9.69 -18.43 -2.42
CA PHE C 104 9.10 -19.75 -2.11
C PHE C 104 9.79 -20.29 -0.86
N ASP C 105 9.07 -20.64 0.18
CA ASP C 105 9.63 -21.56 1.17
C ASP C 105 9.71 -22.94 0.54
N VAL C 106 10.92 -23.36 0.23
CA VAL C 106 11.19 -24.61 -0.49
C VAL C 106 11.36 -25.85 0.40
N SER C 107 11.30 -25.69 1.74
CA SER C 107 11.54 -26.79 2.69
C SER C 107 10.87 -28.10 2.20
N GLU C 108 9.57 -28.05 1.88
CA GLU C 108 8.83 -29.26 1.49
C GLU C 108 9.28 -29.88 0.18
N ASN C 109 9.85 -29.09 -0.72
CA ASN C 109 10.21 -29.60 -2.06
C ASN C 109 11.44 -28.94 -2.66
N PRO C 110 12.60 -29.64 -2.65
CA PRO C 110 13.79 -29.01 -3.24
C PRO C 110 13.80 -28.96 -4.76
N GLU C 111 13.31 -29.99 -5.40
CA GLU C 111 13.40 -30.10 -6.85
C GLU C 111 12.94 -28.83 -7.56
N ALA C 112 12.04 -28.09 -6.88
CA ALA C 112 11.59 -26.81 -7.36
C ALA C 112 12.79 -26.03 -7.83
N ILE C 113 13.86 -26.09 -7.03
CA ILE C 113 15.13 -25.41 -7.32
C ILE C 113 15.70 -25.69 -8.72
N ASP C 114 15.76 -26.97 -9.06
CA ASP C 114 16.28 -27.39 -10.36
C ASP C 114 15.26 -27.00 -11.45
N GLN C 115 13.98 -26.97 -11.08
CA GLN C 115 12.92 -26.50 -11.98
C GLN C 115 12.85 -24.98 -12.04
N LEU C 116 13.28 -24.30 -10.98
CA LEU C 116 13.32 -22.84 -10.95
C LEU C 116 14.44 -22.30 -11.81
N ASN C 117 15.65 -22.83 -11.57
CA ASN C 117 16.84 -22.38 -12.30
C ASN C 117 16.90 -22.88 -13.76
N GLN C 118 15.99 -23.78 -14.13
CA GLN C 118 15.87 -24.31 -15.52
C GLN C 118 15.49 -23.29 -16.61
N GLY C 119 14.92 -22.14 -16.24
CA GLY C 119 14.51 -21.13 -17.23
C GLY C 119 15.36 -19.87 -17.17
N SER C 120 16.68 -20.06 -17.05
CA SER C 120 17.60 -18.92 -16.99
C SER C 120 17.69 -18.21 -18.32
N GLU C 121 17.30 -18.91 -19.39
CA GLU C 121 17.27 -18.34 -20.73
C GLU C 121 16.28 -17.18 -20.83
N ASP C 122 15.08 -17.37 -20.26
CA ASP C 122 13.99 -16.38 -20.29
C ASP C 122 13.59 -15.88 -18.87
N PRO C 123 14.51 -15.17 -18.20
CA PRO C 123 14.34 -14.70 -16.84
C PRO C 123 13.34 -13.57 -16.70
N LEU C 124 12.63 -13.59 -15.57
CA LEU C 124 11.59 -12.60 -15.32
C LEU C 124 12.22 -11.28 -14.96
N LYS C 125 11.48 -10.21 -15.28
CA LYS C 125 11.83 -8.85 -14.89
C LYS C 125 12.32 -8.70 -13.42
N ARG C 126 11.88 -9.59 -12.54
CA ARG C 126 11.87 -9.39 -11.11
C ARG C 126 12.37 -10.61 -10.32
N PRO C 127 12.95 -10.37 -9.13
CA PRO C 127 13.66 -11.42 -8.43
C PRO C 127 12.79 -12.57 -8.02
N VAL C 128 13.34 -13.76 -8.06
CA VAL C 128 12.72 -14.97 -7.53
C VAL C 128 13.73 -15.65 -6.65
N VAL C 129 13.29 -16.03 -5.46
CA VAL C 129 14.16 -16.45 -4.38
C VAL C 129 13.55 -17.60 -3.65
N TYR C 130 14.37 -18.47 -3.11
CA TYR C 130 13.85 -19.51 -2.24
C TYR C 130 14.49 -19.45 -0.87
N VAL C 131 13.87 -20.12 0.07
CA VAL C 131 14.39 -20.31 1.40
C VAL C 131 14.04 -21.73 1.82
N LYS C 132 14.79 -22.25 2.79
CA LYS C 132 14.54 -23.56 3.40
C LYS C 132 15.04 -23.59 4.82
N GLY C 133 14.79 -24.69 5.51
CA GLY C 133 15.35 -24.87 6.85
C GLY C 133 14.86 -23.82 7.79
N ALA C 134 15.68 -23.47 8.79
CA ALA C 134 15.23 -22.59 9.89
C ALA C 134 14.94 -21.24 9.36
N ASP C 135 15.76 -20.82 8.40
CA ASP C 135 15.54 -19.58 7.67
C ASP C 135 14.12 -19.55 7.08
N ALA C 136 13.73 -20.63 6.38
CA ALA C 136 12.31 -20.81 5.97
C ALA C 136 11.25 -20.82 7.10
N ILE C 137 11.54 -21.45 8.23
CA ILE C 137 10.60 -21.49 9.34
C ILE C 137 10.35 -20.09 9.87
N LYS C 138 11.41 -19.32 10.08
CA LYS C 138 11.22 -17.98 10.66
C LYS C 138 10.23 -17.21 9.81
N LEU C 139 10.45 -17.24 8.49
CA LEU C 139 9.58 -16.53 7.56
C LEU C 139 8.15 -16.85 7.87
N MET C 140 7.79 -18.12 7.72
CA MET C 140 6.41 -18.53 7.98
C MET C 140 5.93 -18.22 9.41
N ASN C 141 6.82 -18.06 10.39
CA ASN C 141 6.37 -17.72 11.74
C ASN C 141 5.83 -16.33 11.83
N ILE C 142 6.41 -15.46 11.00
CA ILE C 142 6.01 -14.06 10.94
C ILE C 142 4.81 -13.99 10.07
N VAL C 143 4.89 -14.62 8.90
CA VAL C 143 3.78 -14.60 7.95
C VAL C 143 2.53 -15.11 8.59
N ASN C 144 2.68 -16.06 9.51
CA ASN C 144 1.52 -16.73 10.13
C ASN C 144 0.85 -16.06 11.31
N LYS C 145 1.57 -15.22 12.03
CA LYS C 145 1.08 -14.74 13.32
C LYS C 145 0.88 -13.24 13.35
N GLN C 146 1.41 -12.55 12.34
CA GLN C 146 1.35 -11.09 12.31
C GLN C 146 0.36 -10.59 11.27
N LYS C 147 0.00 -9.32 11.41
CA LYS C 147 -1.07 -8.73 10.63
C LYS C 147 -0.47 -8.22 9.34
N VAL C 148 0.57 -7.39 9.49
CA VAL C 148 1.33 -6.80 8.38
C VAL C 148 2.84 -6.93 8.60
N ALA C 149 3.57 -7.12 7.51
CA ALA C 149 5.02 -7.12 7.56
C ALA C 149 5.56 -6.73 6.19
N ARG C 150 6.59 -5.90 6.14
CA ARG C 150 7.22 -5.53 4.88
C ARG C 150 8.48 -6.35 4.65
N ALA C 151 8.66 -6.94 3.44
CA ALA C 151 9.91 -7.70 3.15
C ALA C 151 10.91 -6.85 2.45
N ARG C 152 12.18 -7.13 2.73
CA ARG C 152 13.32 -6.39 2.15
C ARG C 152 14.43 -7.35 1.72
N ILE C 153 14.47 -7.63 0.43
CA ILE C 153 15.42 -8.53 -0.17
C ILE C 153 16.58 -7.73 -0.80
N GLN C 154 17.81 -7.96 -0.37
CA GLN C 154 18.98 -7.27 -0.93
C GLN C 154 19.94 -8.21 -1.66
N HIS C 155 20.48 -7.74 -2.80
CA HIS C 155 21.47 -8.50 -3.59
C HIS C 155 22.86 -7.92 -3.38
N LEU C 156 23.65 -8.58 -2.53
CA LEU C 156 25.00 -8.12 -2.21
C LEU C 156 26.01 -8.47 -3.33
N ILE D 6 -7.74 -30.70 13.03
CA ILE D 6 -8.80 -31.27 12.14
C ILE D 6 -9.10 -30.38 10.92
N CYS D 7 -8.11 -30.12 10.06
CA CYS D 7 -8.39 -29.53 8.75
C CYS D 7 -9.38 -30.43 8.05
N LYS D 8 -10.51 -29.87 7.63
CA LYS D 8 -11.64 -30.72 7.32
C LYS D 8 -11.99 -30.74 5.88
N GLY D 9 -12.15 -31.94 5.36
CA GLY D 9 -12.56 -32.13 3.99
C GLY D 9 -11.41 -32.28 3.04
N CYS D 10 -10.15 -32.24 3.52
CA CYS D 10 -9.04 -32.44 2.57
C CYS D 10 -8.31 -33.79 2.61
N LEU D 11 -7.92 -34.21 1.42
CA LEU D 11 -6.98 -35.29 1.20
C LEU D 11 -5.57 -34.92 1.66
N SER D 12 -5.17 -33.67 1.42
CA SER D 12 -3.86 -33.17 1.83
C SER D 12 -4.08 -31.97 2.74
N CYS D 13 -3.12 -31.64 3.59
CA CYS D 13 -3.37 -30.61 4.61
C CYS D 13 -2.10 -30.06 5.29
N SER D 14 -2.19 -28.88 5.93
CA SER D 14 -1.05 -28.29 6.68
C SER D 14 -1.29 -26.96 7.43
N LYS D 15 -0.61 -26.82 8.56
CA LYS D 15 -0.58 -25.61 9.38
C LYS D 15 -0.35 -24.34 8.60
N ASP D 16 0.38 -24.46 7.48
CA ASP D 16 0.89 -23.28 6.79
C ASP D 16 0.06 -22.89 5.60
N ASN D 17 -0.58 -23.86 4.98
CA ASN D 17 -1.44 -23.60 3.84
C ASN D 17 -2.89 -24.02 4.07
N GLY D 18 -3.23 -24.34 5.33
CA GLY D 18 -4.49 -25.00 5.64
C GLY D 18 -4.66 -26.26 4.81
N CYS D 19 -5.89 -26.47 4.34
CA CYS D 19 -6.28 -27.66 3.53
C CYS D 19 -5.67 -27.51 2.16
N SER D 20 -5.63 -28.59 1.41
CA SER D 20 -5.18 -28.56 0.01
C SER D 20 -5.74 -29.75 -0.77
N ARG D 21 -5.78 -29.65 -2.09
CA ARG D 21 -6.32 -30.72 -2.95
C ARG D 21 -7.52 -31.44 -2.32
N CYS D 22 -8.65 -30.76 -2.31
CA CYS D 22 -9.83 -31.23 -1.59
C CYS D 22 -10.27 -32.68 -1.84
N GLN D 23 -10.87 -33.27 -0.81
CA GLN D 23 -11.48 -34.60 -0.88
C GLN D 23 -12.65 -34.68 -1.84
N GLN D 24 -12.76 -35.83 -2.52
CA GLN D 24 -13.96 -36.19 -3.31
C GLN D 24 -14.45 -35.04 -4.19
N LYS D 25 -15.71 -34.65 -4.04
CA LYS D 25 -16.31 -33.68 -4.94
C LYS D 25 -16.33 -32.29 -4.29
N LEU D 26 -15.82 -32.20 -3.06
CA LEU D 26 -15.82 -30.94 -2.32
C LEU D 26 -15.19 -29.77 -3.12
N PHE D 27 -15.51 -28.55 -2.70
CA PHE D 27 -15.08 -27.36 -3.42
C PHE D 27 -13.94 -26.57 -2.71
N PHE D 28 -12.83 -26.37 -3.39
CA PHE D 28 -11.65 -25.65 -2.84
C PHE D 28 -11.77 -24.14 -2.82
N PHE D 29 -11.48 -23.52 -1.68
CA PHE D 29 -11.79 -22.11 -1.45
C PHE D 29 -10.70 -21.40 -0.68
N LEU D 30 -10.05 -20.45 -1.38
CA LEU D 30 -8.97 -19.64 -0.81
C LEU D 30 -9.54 -18.55 0.07
N ARG D 31 -9.31 -18.67 1.37
CA ARG D 31 -9.68 -17.65 2.35
C ARG D 31 -8.47 -16.78 2.56
N ARG D 32 -8.69 -15.50 2.87
CA ARG D 32 -7.57 -14.58 3.10
C ARG D 32 -7.83 -13.67 4.28
N GLU D 33 -6.88 -13.60 5.20
CA GLU D 33 -6.89 -12.67 6.30
C GLU D 33 -5.54 -11.98 6.34
N GLY D 34 -5.53 -10.67 6.04
CA GLY D 34 -4.29 -9.91 6.00
C GLY D 34 -3.33 -10.49 4.97
N MET D 35 -2.11 -10.82 5.38
CA MET D 35 -1.18 -11.41 4.43
C MET D 35 -1.47 -12.88 4.22
N ARG D 36 -1.91 -13.52 5.31
CA ARG D 36 -2.03 -14.98 5.36
C ARG D 36 -3.10 -15.48 4.41
N GLN D 37 -2.87 -16.61 3.76
CA GLN D 37 -3.92 -17.23 2.93
C GLN D 37 -3.89 -18.75 3.01
N TYR D 38 -5.05 -19.38 3.16
CA TYR D 38 -5.12 -20.85 3.22
C TYR D 38 -6.29 -21.48 2.50
N GLY D 39 -6.12 -22.76 2.24
CA GLY D 39 -7.14 -23.59 1.60
C GLY D 39 -8.24 -24.04 2.55
N GLU D 40 -9.40 -24.34 1.95
CA GLU D 40 -10.59 -24.86 2.64
C GLU D 40 -11.30 -25.74 1.62
N CYS D 41 -11.75 -26.90 2.09
CA CYS D 41 -12.34 -27.91 1.27
C CYS D 41 -13.78 -27.91 1.63
N LEU D 42 -14.56 -27.15 0.88
CA LEU D 42 -15.87 -26.76 1.32
C LEU D 42 -17.00 -27.57 0.75
N HIS D 43 -18.10 -27.43 1.46
CA HIS D 43 -19.34 -28.14 1.23
C HIS D 43 -20.30 -27.23 0.44
N SER D 44 -20.36 -25.95 0.86
CA SER D 44 -21.31 -24.95 0.37
C SER D 44 -20.73 -23.56 0.54
N CYS D 45 -20.14 -23.07 -0.50
CA CYS D 45 -19.37 -21.89 -0.46
C CYS D 45 -20.01 -20.62 0.07
N PRO D 46 -19.18 -19.71 0.62
CA PRO D 46 -19.74 -18.64 1.40
C PRO D 46 -20.37 -17.59 0.53
N SER D 47 -20.92 -16.55 1.15
CA SER D 47 -21.57 -15.49 0.41
C SER D 47 -20.65 -15.00 -0.66
N GLY D 48 -21.20 -14.82 -1.83
CA GLY D 48 -20.42 -14.33 -2.94
C GLY D 48 -19.82 -15.44 -3.78
N TYR D 49 -19.92 -16.71 -3.37
CA TYR D 49 -19.27 -17.73 -4.15
C TYR D 49 -20.16 -18.92 -4.52
N TYR D 50 -19.72 -19.72 -5.47
CA TYR D 50 -20.48 -20.90 -5.86
C TYR D 50 -19.58 -22.04 -6.27
N GLY D 51 -20.06 -23.25 -6.06
CA GLY D 51 -19.33 -24.44 -6.48
C GLY D 51 -19.21 -24.48 -7.99
N HIS D 52 -17.99 -24.51 -8.48
CA HIS D 52 -17.73 -24.49 -9.87
C HIS D 52 -16.80 -25.65 -10.15
N ARG D 53 -17.04 -26.28 -11.28
CA ARG D 53 -16.33 -27.48 -11.66
C ARG D 53 -15.27 -27.02 -12.64
N ALA D 54 -14.00 -27.09 -12.23
CA ALA D 54 -12.89 -26.35 -12.89
C ALA D 54 -11.91 -27.30 -13.57
N PRO D 55 -10.88 -26.75 -14.26
CA PRO D 55 -9.92 -27.63 -14.94
C PRO D 55 -9.05 -28.35 -13.93
N ASP D 56 -8.36 -27.56 -13.10
CA ASP D 56 -7.51 -28.06 -12.01
C ASP D 56 -8.30 -29.02 -11.11
N MET D 57 -9.37 -28.52 -10.49
CA MET D 57 -10.07 -29.23 -9.42
C MET D 57 -11.43 -28.56 -9.21
N ASN D 58 -12.29 -29.17 -8.40
CA ASN D 58 -13.51 -28.50 -7.97
C ASN D 58 -13.13 -27.36 -7.08
N ARG D 59 -13.39 -26.13 -7.53
CA ARG D 59 -13.06 -24.97 -6.73
C ARG D 59 -14.21 -23.97 -6.67
N CYS D 60 -14.18 -23.11 -5.67
CA CYS D 60 -15.22 -22.12 -5.43
C CYS D 60 -14.92 -20.78 -6.07
N ALA D 61 -15.93 -20.18 -6.67
CA ALA D 61 -15.69 -18.99 -7.49
C ALA D 61 -16.63 -17.87 -7.08
N ARG D 62 -16.37 -16.69 -7.62
CA ARG D 62 -17.10 -15.50 -7.25
C ARG D 62 -18.40 -15.47 -8.03
N CYS D 63 -19.45 -15.06 -7.34
CA CYS D 63 -20.70 -14.78 -7.97
C CYS D 63 -20.58 -13.38 -8.55
N ARG D 64 -20.58 -13.28 -9.88
CA ARG D 64 -20.33 -11.99 -10.54
C ARG D 64 -21.25 -10.93 -10.01
N ILE D 65 -22.54 -11.21 -10.06
CA ILE D 65 -23.57 -10.23 -9.77
C ILE D 65 -23.26 -9.48 -8.48
N GLU D 66 -23.37 -8.16 -8.56
CA GLU D 66 -23.07 -7.27 -7.45
C GLU D 66 -24.07 -7.58 -6.32
N ASN D 67 -23.64 -7.54 -5.06
CA ASN D 67 -24.53 -7.71 -3.89
C ASN D 67 -25.17 -9.08 -3.69
N CYS D 68 -24.59 -10.11 -4.29
CA CYS D 68 -25.26 -11.43 -4.41
C CYS D 68 -24.69 -12.45 -3.46
N ASP D 69 -25.53 -13.36 -2.99
CA ASP D 69 -25.13 -14.36 -2.00
C ASP D 69 -24.93 -15.69 -2.65
N SER D 70 -25.83 -16.06 -3.56
CA SER D 70 -25.66 -17.34 -4.22
C SER D 70 -26.02 -17.34 -5.68
N CYS D 71 -25.35 -18.22 -6.42
CA CYS D 71 -25.52 -18.41 -7.86
C CYS D 71 -25.70 -19.85 -8.14
N PHE D 72 -26.21 -20.14 -9.32
CA PHE D 72 -25.90 -21.41 -9.91
C PHE D 72 -24.81 -21.19 -10.94
N SER D 73 -24.73 -19.99 -11.50
CA SER D 73 -23.62 -19.63 -12.39
C SER D 73 -23.10 -18.25 -12.10
N LYS D 74 -21.92 -17.96 -12.65
CA LYS D 74 -21.22 -16.68 -12.45
C LYS D 74 -22.15 -15.46 -12.62
N ASP D 75 -23.02 -15.53 -13.62
CA ASP D 75 -23.80 -14.38 -14.04
C ASP D 75 -25.31 -14.60 -13.89
N PHE D 76 -25.71 -15.12 -12.72
CA PHE D 76 -27.14 -15.19 -12.38
C PHE D 76 -27.29 -15.45 -10.90
N CYS D 77 -27.84 -14.47 -10.18
CA CYS D 77 -27.97 -14.61 -8.74
C CYS D 77 -29.23 -15.35 -8.37
N THR D 78 -29.11 -16.22 -7.37
CA THR D 78 -30.17 -17.14 -6.93
C THR D 78 -30.74 -16.77 -5.56
N LYS D 79 -29.86 -16.42 -4.62
CA LYS D 79 -30.25 -15.80 -3.36
C LYS D 79 -29.47 -14.49 -3.29
N CYS D 80 -30.21 -13.42 -3.25
CA CYS D 80 -29.62 -12.13 -3.15
C CYS D 80 -29.09 -11.98 -1.74
N LYS D 81 -28.35 -10.94 -1.44
CA LYS D 81 -27.83 -10.77 -0.07
C LYS D 81 -28.87 -10.08 0.81
N VAL D 82 -28.60 -10.13 2.12
CA VAL D 82 -29.47 -9.54 3.15
C VAL D 82 -29.65 -8.03 2.97
N GLY D 83 -30.91 -7.60 2.83
CA GLY D 83 -31.23 -6.21 2.57
C GLY D 83 -31.79 -6.01 1.17
N PHE D 84 -31.38 -6.86 0.24
CA PHE D 84 -31.61 -6.62 -1.18
C PHE D 84 -32.64 -7.53 -1.81
N TYR D 85 -33.23 -7.00 -2.89
CA TYR D 85 -34.29 -7.66 -3.64
C TYR D 85 -33.80 -8.26 -4.97
N LEU D 86 -34.14 -9.52 -5.20
CA LEU D 86 -33.79 -10.29 -6.40
C LEU D 86 -34.73 -10.05 -7.58
N HIS D 87 -34.18 -9.75 -8.73
CA HIS D 87 -35.00 -9.61 -9.92
C HIS D 87 -34.17 -10.04 -11.12
N ARG D 88 -34.64 -11.05 -11.87
CA ARG D 88 -33.98 -11.42 -13.14
C ARG D 88 -32.47 -11.48 -13.10
N GLY D 89 -32.00 -12.27 -12.16
CA GLY D 89 -30.60 -12.54 -12.01
C GLY D 89 -29.90 -11.54 -11.13
N ARG D 90 -30.22 -10.28 -11.34
CA ARG D 90 -29.59 -9.20 -10.61
C ARG D 90 -30.21 -8.98 -9.21
N CYS D 91 -29.58 -8.08 -8.47
CA CYS D 91 -29.86 -7.84 -7.06
C CYS D 91 -30.10 -6.35 -6.94
N PHE D 92 -31.14 -5.95 -6.23
CA PHE D 92 -31.46 -4.52 -6.09
C PHE D 92 -31.74 -4.09 -4.64
N ASP D 93 -31.42 -2.82 -4.33
CA ASP D 93 -31.83 -2.21 -3.06
C ASP D 93 -33.33 -1.84 -3.13
N GLU D 94 -33.73 -1.31 -4.28
CA GLU D 94 -35.08 -0.81 -4.45
C GLU D 94 -35.62 -1.28 -5.79
N CYS D 95 -36.74 -2.00 -5.75
CA CYS D 95 -37.25 -2.60 -6.96
C CYS D 95 -37.58 -1.59 -8.03
N PRO D 96 -37.17 -1.88 -9.28
CA PRO D 96 -37.25 -0.96 -10.41
C PRO D 96 -38.66 -0.52 -10.80
N ASP D 97 -38.71 0.59 -11.52
CA ASP D 97 -39.95 1.26 -11.88
C ASP D 97 -40.93 0.28 -12.51
N GLY D 98 -42.16 0.26 -11.97
CA GLY D 98 -43.20 -0.71 -12.36
C GLY D 98 -43.08 -2.06 -11.68
N PHE D 99 -42.42 -2.09 -10.53
CA PHE D 99 -42.21 -3.32 -9.78
C PHE D 99 -42.36 -3.02 -8.30
N ALA D 100 -42.89 -3.98 -7.55
CA ALA D 100 -43.19 -3.74 -6.17
C ALA D 100 -42.62 -4.83 -5.30
N PRO D 101 -42.21 -4.46 -4.07
CA PRO D 101 -41.46 -5.35 -3.19
C PRO D 101 -42.26 -6.45 -2.49
N LEU D 102 -41.64 -7.58 -2.23
CA LEU D 102 -42.11 -8.53 -1.26
C LEU D 102 -41.06 -8.62 -0.20
N ASP D 103 -41.34 -8.10 0.99
CA ASP D 103 -40.37 -8.16 2.07
C ASP D 103 -40.27 -9.60 2.55
N GLU D 104 -41.33 -10.38 2.36
CA GLU D 104 -41.37 -11.80 2.74
C GLU D 104 -40.40 -12.69 1.93
N THR D 105 -40.49 -12.60 0.61
CA THR D 105 -39.64 -13.39 -0.27
C THR D 105 -38.40 -12.61 -0.72
N MET D 106 -38.36 -11.32 -0.42
CA MET D 106 -37.36 -10.41 -1.00
C MET D 106 -37.31 -10.53 -2.52
N GLU D 107 -38.48 -10.81 -3.09
CA GLU D 107 -38.62 -11.03 -4.50
C GLU D 107 -39.23 -9.75 -5.04
N CYS D 108 -39.65 -9.73 -6.31
CA CYS D 108 -40.15 -8.50 -6.92
C CYS D 108 -41.04 -8.60 -8.14
N VAL D 109 -42.11 -7.81 -8.13
CA VAL D 109 -43.36 -8.15 -8.77
C VAL D 109 -44.07 -7.01 -9.49
N GLU D 110 -44.65 -7.35 -10.65
CA GLU D 110 -45.55 -6.49 -11.46
C GLU D 110 -45.47 -4.99 -11.20
#